data_4D4V
#
_entry.id   4D4V
#
_cell.length_a   44.996
_cell.length_b   123.597
_cell.length_c   51.008
_cell.angle_alpha   90.00
_cell.angle_beta   94.49
_cell.angle_gamma   90.00
#
_symmetry.space_group_name_H-M   'P 1 21 1'
#
loop_
_entity.id
_entity.type
_entity.pdbx_description
1 polymer 'FOCAL ADHESION KINASE'
2 non-polymer 'DIMETHYL SULFOXIDE'
3 non-polymer 'SULFATE ION'
4 non-polymer 6-methyl-4-(piperazin-1-yl)-2-(trifluoromethyl)quinoline
5 water water
#
_entity_poly.entity_id   1
_entity_poly.type   'polypeptide(L)'
_entity_poly.pdbx_seq_one_letter_code
;STRDYEIQRERIELGRCIGEGQFGDVHQGIYMSPENPAMAVAIKTCKNCTSDSVREKFLQEALTMRQFDHPHIVKLIGVI
TENPVWIIMELCTLGELRSFLQVRKFSLDLASLILYAYQLSTALAYLESKRFVHRDIAARNVLVSATDCVKLGDFGLSRY
MEDSTYYKASKGKLPIKWMAPESINFRRFTSASDVWMFGVCMWEILMHGVKPFQGVKNNDVIGRIENGERLPMPPNCPPT
LYSLMTKCWAYDPSRRPRFTELKAQLSTILEEEKLQ
;
_entity_poly.pdbx_strand_id   A,B
#
# COMPACT_ATOMS: atom_id res chain seq x y z
N TYR A 5 -14.20 -18.87 19.61
CA TYR A 5 -13.59 -18.02 18.52
C TYR A 5 -12.15 -18.37 18.12
N GLU A 6 -11.46 -19.23 18.86
CA GLU A 6 -10.11 -19.64 18.48
C GLU A 6 -10.17 -20.62 17.30
N ILE A 7 -9.45 -20.30 16.24
CA ILE A 7 -9.43 -21.13 15.05
C ILE A 7 -8.07 -21.80 14.88
N GLN A 8 -8.10 -23.07 14.52
CA GLN A 8 -6.87 -23.81 14.28
C GLN A 8 -6.23 -23.32 12.98
N ARG A 9 -4.94 -23.02 13.03
CA ARG A 9 -4.20 -22.46 11.89
C ARG A 9 -4.31 -23.32 10.63
N GLU A 10 -4.25 -24.63 10.83
CA GLU A 10 -4.39 -25.60 9.73
C GLU A 10 -5.74 -25.52 8.97
N ARG A 11 -6.75 -24.89 9.58
CA ARG A 11 -8.04 -24.63 8.93
C ARG A 11 -8.09 -23.38 8.06
N ILE A 12 -7.02 -22.58 8.07
CA ILE A 12 -6.95 -21.35 7.29
C ILE A 12 -5.89 -21.46 6.20
N GLU A 13 -6.35 -21.27 4.96
CA GLU A 13 -5.43 -21.10 3.84
C GLU A 13 -5.26 -19.61 3.53
N LEU A 14 -4.07 -19.11 3.84
CA LEU A 14 -3.74 -17.72 3.58
C LEU A 14 -3.58 -17.48 2.08
N GLY A 15 -4.32 -16.53 1.55
CA GLY A 15 -4.22 -16.18 0.14
C GLY A 15 -3.54 -14.84 -0.08
N ARG A 16 -3.88 -14.22 -1.20
CA ARG A 16 -3.35 -12.93 -1.66
C ARG A 16 -3.54 -11.77 -0.66
N CYS A 17 -2.52 -10.92 -0.53
CA CYS A 17 -2.67 -9.64 0.20
C CYS A 17 -3.67 -8.79 -0.55
N ILE A 18 -4.67 -8.31 0.15
CA ILE A 18 -5.67 -7.45 -0.47
C ILE A 18 -5.59 -6.00 0.00
N GLY A 19 -4.80 -5.74 1.04
CA GLY A 19 -4.74 -4.39 1.59
C GLY A 19 -3.77 -4.22 2.73
N GLU A 20 -3.62 -2.96 3.12
CA GLU A 20 -2.76 -2.59 4.22
C GLU A 20 -3.67 -2.41 5.43
N GLY A 21 -3.16 -2.74 6.60
CA GLY A 21 -3.89 -2.51 7.82
C GLY A 21 -3.06 -1.70 8.79
N GLN A 22 -3.74 -1.10 9.74
CA GLN A 22 -3.09 -0.32 10.78
C GLN A 22 -1.96 -1.13 11.45
N PHE A 23 -2.17 -2.42 11.68
CA PHE A 23 -1.12 -3.26 12.32
C PHE A 23 -0.31 -4.14 11.36
N GLY A 24 -0.77 -4.29 10.13
CA GLY A 24 -0.06 -5.10 9.14
C GLY A 24 -0.98 -5.39 7.97
N ASP A 25 -0.49 -6.16 6.99
CA ASP A 25 -1.27 -6.41 5.79
C ASP A 25 -2.50 -7.28 6.08
N VAL A 26 -3.54 -7.04 5.28
CA VAL A 26 -4.77 -7.82 5.26
C VAL A 26 -4.74 -8.69 4.02
N HIS A 27 -5.08 -9.96 4.20
CA HIS A 27 -5.10 -10.93 3.12
C HIS A 27 -6.53 -11.43 2.93
N GLN A 28 -6.81 -12.00 1.77
CA GLN A 28 -8.00 -12.85 1.65
C GLN A 28 -7.49 -14.27 1.86
N GLY A 29 -8.43 -15.18 2.03
CA GLY A 29 -8.10 -16.60 2.17
C GLY A 29 -9.32 -17.48 2.34
N ILE A 30 -9.09 -18.74 2.67
CA ILE A 30 -10.13 -19.74 2.83
C ILE A 30 -10.09 -20.31 4.23
N TYR A 31 -11.26 -20.36 4.86
CA TYR A 31 -11.46 -21.06 6.12
C TYR A 31 -12.17 -22.38 5.84
N MET A 32 -11.45 -23.46 6.06
CA MET A 32 -11.93 -24.82 5.87
C MET A 32 -12.52 -25.23 7.21
N SER A 33 -13.81 -24.93 7.37
CA SER A 33 -14.50 -25.09 8.64
C SER A 33 -15.46 -26.27 8.56
N PRO A 34 -15.91 -26.77 9.73
CA PRO A 34 -16.83 -27.92 9.71
C PRO A 34 -18.21 -27.52 9.18
N GLU A 35 -18.67 -26.35 9.62
CA GLU A 35 -19.80 -25.64 9.03
C GLU A 35 -19.77 -25.46 7.52
N ASN A 36 -18.57 -25.20 6.99
CA ASN A 36 -18.44 -24.82 5.59
C ASN A 36 -17.02 -25.07 5.13
N PRO A 37 -16.84 -26.06 4.23
CA PRO A 37 -15.51 -26.51 3.83
C PRO A 37 -14.66 -25.49 3.05
N ALA A 38 -15.27 -24.46 2.49
CA ALA A 38 -14.47 -23.42 1.84
C ALA A 38 -15.14 -22.05 1.90
N MET A 39 -15.02 -21.42 3.06
CA MET A 39 -15.56 -20.08 3.31
C MET A 39 -14.51 -19.03 2.99
N ALA A 40 -14.86 -18.08 2.14
CA ALA A 40 -14.01 -16.95 1.83
C ALA A 40 -13.97 -16.03 3.06
N VAL A 41 -12.76 -15.66 3.47
CA VAL A 41 -12.56 -14.78 4.62
C VAL A 41 -11.47 -13.73 4.34
N ALA A 42 -11.52 -12.63 5.09
CA ALA A 42 -10.38 -11.71 5.26
C ALA A 42 -9.52 -12.13 6.44
N ILE A 43 -8.22 -11.96 6.33
CA ILE A 43 -7.30 -12.31 7.40
C ILE A 43 -6.43 -11.10 7.70
N LYS A 44 -6.55 -10.56 8.90
CA LYS A 44 -5.75 -9.42 9.32
C LYS A 44 -4.53 -9.95 10.00
N THR A 45 -3.35 -9.45 9.61
CA THR A 45 -2.09 -9.84 10.23
C THR A 45 -1.51 -8.68 11.05
N CYS A 46 -0.51 -9.02 11.85
CA CYS A 46 0.03 -8.10 12.83
C CYS A 46 1.52 -8.25 12.83
N LYS A 47 2.23 -7.34 12.23
CA LYS A 47 3.69 -7.42 12.31
C LYS A 47 4.10 -6.98 13.71
N ASN A 48 5.12 -7.65 14.26
CA ASN A 48 5.59 -7.39 15.63
C ASN A 48 4.63 -7.87 16.74
N CYS A 49 3.82 -8.89 16.44
CA CYS A 49 2.89 -9.47 17.43
C CYS A 49 3.60 -10.19 18.59
N THR A 50 4.89 -10.42 18.43
CA THR A 50 5.72 -10.98 19.50
C THR A 50 5.88 -10.00 20.68
N SER A 51 5.65 -8.70 20.42
CA SER A 51 5.51 -7.70 21.49
C SER A 51 4.10 -7.78 22.09
N ASP A 52 4.03 -7.90 23.42
CA ASP A 52 2.75 -8.08 24.11
C ASP A 52 1.86 -6.84 24.07
N SER A 53 2.49 -5.67 24.07
CA SER A 53 1.80 -4.38 23.94
C SER A 53 1.04 -4.26 22.62
N VAL A 54 1.70 -4.63 21.54
CA VAL A 54 1.15 -4.51 20.19
C VAL A 54 0.04 -5.52 19.97
N ARG A 55 0.35 -6.75 20.33
CA ARG A 55 -0.59 -7.84 20.20
C ARG A 55 -1.88 -7.58 20.97
N GLU A 56 -1.76 -7.03 22.18
CA GLU A 56 -2.92 -6.68 22.99
C GLU A 56 -3.81 -5.64 22.29
N LYS A 57 -3.19 -4.61 21.71
CA LYS A 57 -3.93 -3.60 20.98
C LYS A 57 -4.65 -4.20 19.75
N PHE A 58 -3.91 -4.98 18.97
CA PHE A 58 -4.44 -5.67 17.79
C PHE A 58 -5.64 -6.54 18.14
N LEU A 59 -5.47 -7.43 19.10
CA LEU A 59 -6.52 -8.36 19.48
C LEU A 59 -7.73 -7.70 20.16
N GLN A 60 -7.54 -6.50 20.71
CA GLN A 60 -8.64 -5.72 21.28
C GLN A 60 -9.70 -5.38 20.24
N GLU A 61 -9.26 -5.15 19.00
CA GLU A 61 -10.21 -4.92 17.93
C GLU A 61 -11.19 -6.08 17.77
N ALA A 62 -10.69 -7.31 17.85
CA ALA A 62 -11.54 -8.49 17.72
C ALA A 62 -12.55 -8.57 18.87
N LEU A 63 -12.09 -8.27 20.07
CA LEU A 63 -12.97 -8.28 21.23
C LEU A 63 -14.11 -7.30 21.02
N THR A 64 -13.76 -6.10 20.55
CA THR A 64 -14.71 -5.04 20.25
C THR A 64 -15.71 -5.48 19.21
N MET A 65 -15.23 -6.03 18.10
CA MET A 65 -16.08 -6.49 16.99
C MET A 65 -17.10 -7.54 17.38
N ARG A 66 -16.69 -8.41 18.30
CA ARG A 66 -17.50 -9.50 18.82
C ARG A 66 -18.81 -9.04 19.48
N GLN A 67 -18.83 -7.83 20.00
CA GLN A 67 -19.99 -7.28 20.69
C GLN A 67 -21.08 -6.80 19.75
N PHE A 68 -20.77 -6.69 18.46
CA PHE A 68 -21.67 -6.05 17.51
C PHE A 68 -22.29 -7.03 16.53
N ASP A 69 -23.56 -6.79 16.22
CA ASP A 69 -24.28 -7.57 15.22
C ASP A 69 -25.16 -6.64 14.43
N HIS A 70 -24.68 -6.24 13.26
CA HIS A 70 -25.41 -5.29 12.46
C HIS A 70 -25.11 -5.53 10.97
N PRO A 71 -26.11 -5.34 10.09
CA PRO A 71 -25.90 -5.58 8.64
C PRO A 71 -24.80 -4.73 8.00
N HIS A 72 -24.47 -3.60 8.60
CA HIS A 72 -23.45 -2.70 8.05
C HIS A 72 -22.21 -2.51 8.94
N ILE A 73 -21.92 -3.53 9.73
CA ILE A 73 -20.65 -3.64 10.47
C ILE A 73 -20.10 -5.01 10.14
N VAL A 74 -18.83 -5.06 9.74
CA VAL A 74 -18.15 -6.32 9.39
C VAL A 74 -18.14 -7.28 10.59
N LYS A 75 -18.41 -8.56 10.36
CA LYS A 75 -18.41 -9.56 11.43
C LYS A 75 -17.07 -10.21 11.69
N LEU A 76 -16.83 -10.51 12.97
CA LEU A 76 -15.72 -11.35 13.37
C LEU A 76 -16.05 -12.82 13.12
N ILE A 77 -15.11 -13.56 12.51
CA ILE A 77 -15.21 -15.00 12.34
C ILE A 77 -14.41 -15.69 13.42
N GLY A 78 -13.16 -15.28 13.62
CA GLY A 78 -12.35 -15.86 14.70
C GLY A 78 -10.98 -15.26 14.83
N VAL A 79 -10.16 -15.90 15.67
CA VAL A 79 -8.80 -15.45 15.95
C VAL A 79 -7.82 -16.61 16.07
N ILE A 80 -6.58 -16.33 15.72
CA ILE A 80 -5.49 -17.25 15.98
C ILE A 80 -4.54 -16.47 16.85
N THR A 81 -4.36 -16.96 18.08
CA THR A 81 -3.70 -16.18 19.12
C THR A 81 -2.30 -16.70 19.46
N GLU A 82 -1.78 -17.59 18.63
CA GLU A 82 -0.37 -17.94 18.68
C GLU A 82 0.29 -17.20 17.54
N ASN A 83 1.58 -16.96 17.70
CA ASN A 83 2.37 -16.23 16.72
C ASN A 83 2.52 -17.00 15.41
N PRO A 84 2.28 -16.35 14.25
CA PRO A 84 1.76 -14.99 14.04
C PRO A 84 0.25 -14.92 14.22
N VAL A 85 -0.16 -13.90 14.95
CA VAL A 85 -1.52 -13.72 15.38
C VAL A 85 -2.34 -13.19 14.21
N TRP A 86 -3.51 -13.80 13.95
CA TRP A 86 -4.38 -13.38 12.87
C TRP A 86 -5.77 -13.16 13.40
N ILE A 87 -6.47 -12.19 12.82
CA ILE A 87 -7.89 -11.99 13.07
C ILE A 87 -8.61 -12.40 11.78
N ILE A 88 -9.57 -13.31 11.90
CA ILE A 88 -10.30 -13.81 10.74
C ILE A 88 -11.66 -13.10 10.73
N MET A 89 -11.95 -12.48 9.59
CA MET A 89 -13.13 -11.66 9.45
C MET A 89 -13.91 -11.98 8.19
N GLU A 90 -15.16 -11.52 8.19
CA GLU A 90 -15.98 -11.56 6.99
C GLU A 90 -15.26 -10.86 5.84
N LEU A 91 -15.32 -11.45 4.64
CA LEU A 91 -14.64 -10.85 3.47
C LEU A 91 -15.57 -9.89 2.72
N CYS A 92 -15.15 -8.63 2.60
CA CYS A 92 -15.88 -7.65 1.81
C CYS A 92 -15.16 -7.55 0.49
N THR A 93 -15.70 -8.22 -0.55
CA THR A 93 -14.92 -8.56 -1.73
C THR A 93 -14.57 -7.39 -2.63
N LEU A 94 -15.21 -6.24 -2.42
CA LEU A 94 -14.93 -5.09 -3.27
C LEU A 94 -13.96 -4.11 -2.65
N GLY A 95 -13.43 -4.45 -1.46
CA GLY A 95 -12.32 -3.70 -0.87
C GLY A 95 -12.66 -2.41 -0.12
N GLU A 96 -11.62 -1.61 0.04
CA GLU A 96 -11.72 -0.33 0.73
C GLU A 96 -12.60 0.64 -0.02
N LEU A 97 -13.34 1.45 0.74
CA LEU A 97 -14.26 2.42 0.15
C LEU A 97 -13.57 3.50 -0.67
N ARG A 98 -12.47 4.06 -0.16
CA ARG A 98 -11.79 5.15 -0.90
C ARG A 98 -11.34 4.71 -2.29
N SER A 99 -10.59 3.61 -2.34
CA SER A 99 -10.21 2.98 -3.61
C SER A 99 -11.39 2.71 -4.53
N PHE A 100 -12.44 2.14 -3.95
CA PHE A 100 -13.66 1.80 -4.70
C PHE A 100 -14.26 3.05 -5.35
N LEU A 101 -14.35 4.14 -4.60
CA LEU A 101 -14.93 5.38 -5.12
C LEU A 101 -14.08 6.02 -6.21
N GLN A 102 -12.76 6.03 -6.02
CA GLN A 102 -11.85 6.64 -7.00
C GLN A 102 -11.89 5.87 -8.33
N VAL A 103 -11.78 4.54 -8.25
CA VAL A 103 -11.82 3.67 -9.43
C VAL A 103 -13.15 3.80 -10.18
N ARG A 104 -14.25 3.90 -9.42
CA ARG A 104 -15.59 3.87 -10.00
C ARG A 104 -16.25 5.25 -10.03
N LYS A 105 -15.42 6.28 -9.99
CA LYS A 105 -15.89 7.64 -9.90
C LYS A 105 -16.97 7.98 -10.94
N PHE A 106 -16.82 7.45 -12.16
CA PHE A 106 -17.75 7.73 -13.26
C PHE A 106 -18.69 6.59 -13.62
N SER A 107 -18.79 5.58 -12.76
CA SER A 107 -19.82 4.53 -12.88
C SER A 107 -20.92 4.73 -11.84
N LEU A 108 -20.51 5.21 -10.67
CA LEU A 108 -21.41 5.32 -9.54
C LEU A 108 -22.26 6.56 -9.64
N ASP A 109 -23.57 6.36 -9.69
CA ASP A 109 -24.50 7.48 -9.61
C ASP A 109 -24.61 8.04 -8.20
N LEU A 110 -25.19 9.24 -8.15
CA LEU A 110 -25.45 9.96 -6.94
C LEU A 110 -26.22 9.12 -5.91
N ALA A 111 -27.23 8.38 -6.37
CA ALA A 111 -28.04 7.54 -5.48
C ALA A 111 -27.21 6.49 -4.72
N SER A 112 -26.17 5.95 -5.36
CA SER A 112 -25.27 5.01 -4.71
C SER A 112 -24.46 5.66 -3.59
N LEU A 113 -23.90 6.83 -3.84
CA LEU A 113 -23.12 7.56 -2.85
C LEU A 113 -23.97 7.87 -1.63
N ILE A 114 -25.20 8.33 -1.86
CA ILE A 114 -26.13 8.64 -0.80
C ILE A 114 -26.51 7.36 -0.05
N LEU A 115 -26.73 6.26 -0.77
CA LEU A 115 -27.01 4.96 -0.11
C LEU A 115 -25.90 4.58 0.87
N TYR A 116 -24.65 4.77 0.45
CA TYR A 116 -23.51 4.44 1.31
C TYR A 116 -23.53 5.30 2.56
N ALA A 117 -23.80 6.59 2.42
CA ALA A 117 -23.91 7.45 3.62
C ALA A 117 -25.05 6.98 4.53
N TYR A 118 -26.17 6.61 3.93
CA TYR A 118 -27.30 6.10 4.72
C TYR A 118 -26.93 4.82 5.46
N GLN A 119 -26.33 3.87 4.75
CA GLN A 119 -25.97 2.58 5.37
C GLN A 119 -25.02 2.74 6.56
N LEU A 120 -24.06 3.65 6.41
CA LEU A 120 -23.14 3.96 7.48
C LEU A 120 -23.85 4.62 8.64
N SER A 121 -24.80 5.51 8.36
CA SER A 121 -25.59 6.10 9.44
C SER A 121 -26.40 5.06 10.18
N THR A 122 -26.83 4.00 9.50
CA THR A 122 -27.58 2.98 10.22
C THR A 122 -26.68 2.21 11.21
N ALA A 123 -25.44 1.92 10.80
CA ALA A 123 -24.42 1.36 11.68
C ALA A 123 -24.07 2.27 12.84
N LEU A 124 -23.90 3.57 12.57
CA LEU A 124 -23.55 4.50 13.64
C LEU A 124 -24.69 4.75 14.61
N ALA A 125 -25.94 4.68 14.13
CA ALA A 125 -27.10 4.79 15.01
C ALA A 125 -27.17 3.59 15.94
N TYR A 126 -26.86 2.41 15.40
CA TYR A 126 -26.78 1.21 16.21
C TYR A 126 -25.67 1.35 17.30
N LEU A 127 -24.48 1.80 16.90
CA LEU A 127 -23.41 2.01 17.92
C LEU A 127 -23.83 3.02 18.98
N GLU A 128 -24.46 4.10 18.52
CA GLU A 128 -25.01 5.10 19.44
C GLU A 128 -26.03 4.49 20.40
N SER A 129 -26.85 3.55 19.91
CA SER A 129 -27.86 2.91 20.74
C SER A 129 -27.24 2.06 21.84
N LYS A 130 -26.00 1.63 21.62
CA LYS A 130 -25.26 0.85 22.60
C LYS A 130 -24.29 1.72 23.40
N ARG A 131 -24.33 3.03 23.18
CA ARG A 131 -23.49 4.01 23.87
C ARG A 131 -21.99 3.72 23.60
N PHE A 132 -21.68 3.32 22.37
CA PHE A 132 -20.31 3.09 21.94
C PHE A 132 -19.81 4.27 21.08
N VAL A 133 -18.65 4.82 21.46
CA VAL A 133 -18.01 5.92 20.74
C VAL A 133 -16.89 5.32 19.87
N HIS A 134 -16.97 5.57 18.57
CA HIS A 134 -16.04 4.97 17.63
C HIS A 134 -14.68 5.64 17.61
N ARG A 135 -14.67 6.97 17.53
CA ARG A 135 -13.46 7.81 17.62
C ARG A 135 -12.67 7.98 16.30
N ASP A 136 -13.01 7.21 15.27
CA ASP A 136 -12.24 7.23 14.01
C ASP A 136 -13.11 6.96 12.80
N ILE A 137 -14.16 7.76 12.63
CA ILE A 137 -15.07 7.59 11.51
C ILE A 137 -14.47 8.30 10.30
N ALA A 138 -14.24 7.53 9.22
CA ALA A 138 -13.60 8.06 8.04
C ALA A 138 -13.74 7.04 6.93
N ALA A 139 -13.69 7.50 5.69
CA ALA A 139 -13.93 6.61 4.55
C ALA A 139 -12.91 5.47 4.47
N ARG A 140 -11.66 5.71 4.90
CA ARG A 140 -10.63 4.65 4.97
C ARG A 140 -11.02 3.45 5.86
N ASN A 141 -11.96 3.64 6.78
CA ASN A 141 -12.41 2.55 7.67
C ASN A 141 -13.71 1.89 7.25
N VAL A 142 -14.08 2.10 6.01
CA VAL A 142 -15.27 1.56 5.42
C VAL A 142 -14.88 0.59 4.30
N LEU A 143 -15.61 -0.52 4.25
CA LEU A 143 -15.40 -1.57 3.28
C LEU A 143 -16.61 -1.72 2.41
N VAL A 144 -16.38 -2.30 1.23
CA VAL A 144 -17.42 -2.47 0.24
C VAL A 144 -17.64 -3.96 0.02
N SER A 145 -18.84 -4.39 0.40
CA SER A 145 -19.22 -5.77 0.27
C SER A 145 -19.94 -6.06 -1.05
N ALA A 146 -20.66 -5.08 -1.56
CA ALA A 146 -21.29 -5.18 -2.86
C ALA A 146 -21.51 -3.76 -3.33
N THR A 147 -21.86 -3.59 -4.59
CA THR A 147 -22.03 -2.25 -5.17
C THR A 147 -23.18 -1.50 -4.47
N ASP A 148 -24.04 -2.26 -3.78
CA ASP A 148 -25.10 -1.68 -2.96
C ASP A 148 -24.96 -1.98 -1.46
N CYS A 149 -23.74 -2.19 -0.98
CA CYS A 149 -23.58 -2.51 0.43
C CYS A 149 -22.20 -2.19 0.93
N VAL A 150 -22.13 -1.24 1.85
CA VAL A 150 -20.91 -0.90 2.56
C VAL A 150 -21.05 -1.24 4.03
N LYS A 151 -19.89 -1.44 4.68
CA LYS A 151 -19.86 -1.84 6.08
C LYS A 151 -18.77 -1.08 6.79
N LEU A 152 -19.05 -0.71 8.03
CA LEU A 152 -18.04 -0.14 8.89
C LEU A 152 -17.09 -1.26 9.21
N GLY A 153 -15.80 -1.03 9.01
CA GLY A 153 -14.87 -2.14 8.89
C GLY A 153 -13.73 -2.21 9.87
N ASP A 154 -13.60 -1.23 10.76
CA ASP A 154 -12.36 -1.05 11.50
C ASP A 154 -12.64 -0.29 12.79
N PHE A 155 -12.28 -0.90 13.91
CA PHE A 155 -12.49 -0.33 15.24
C PHE A 155 -11.18 -0.31 16.04
N GLY A 156 -10.05 -0.18 15.35
CA GLY A 156 -8.72 -0.28 16.00
C GLY A 156 -8.30 1.01 16.69
N LYS A 173 -0.38 10.46 12.64
CA LYS A 173 -0.63 9.92 13.98
C LYS A 173 -2.13 10.00 14.31
N LEU A 174 -2.61 11.19 14.66
CA LEU A 174 -4.04 11.45 14.94
C LEU A 174 -4.71 11.96 13.69
N PRO A 175 -5.91 11.47 13.35
CA PRO A 175 -6.59 11.93 12.13
C PRO A 175 -7.19 13.34 12.28
N ILE A 176 -6.30 14.33 12.33
CA ILE A 176 -6.67 15.72 12.68
C ILE A 176 -7.71 16.28 11.73
N LYS A 177 -7.53 16.01 10.45
CA LYS A 177 -8.41 16.53 9.41
C LYS A 177 -9.85 15.98 9.46
N TRP A 178 -10.08 14.92 10.22
CA TRP A 178 -11.43 14.39 10.46
C TRP A 178 -12.03 14.79 11.81
N MET A 179 -11.17 15.20 12.74
CA MET A 179 -11.55 15.35 14.15
C MET A 179 -12.34 16.62 14.46
N ALA A 180 -13.29 16.48 15.38
CA ALA A 180 -14.03 17.62 15.90
C ALA A 180 -13.05 18.53 16.66
N PRO A 181 -13.34 19.85 16.70
CA PRO A 181 -12.47 20.82 17.38
C PRO A 181 -12.13 20.43 18.82
N GLU A 182 -13.16 20.07 19.58
CA GLU A 182 -12.98 19.65 20.97
C GLU A 182 -12.10 18.41 21.11
N SER A 183 -12.05 17.61 20.05
CA SER A 183 -11.20 16.41 20.04
C SER A 183 -9.73 16.81 19.88
N ILE A 184 -9.49 17.79 19.01
CA ILE A 184 -8.13 18.27 18.73
C ILE A 184 -7.59 19.07 19.92
N ASN A 185 -8.39 20.00 20.40
CA ASN A 185 -8.02 20.88 21.49
C ASN A 185 -7.81 20.12 22.80
N PHE A 186 -8.79 19.29 23.17
CA PHE A 186 -8.85 18.72 24.51
C PHE A 186 -8.94 17.19 24.54
N ARG A 187 -8.51 16.54 23.45
CA ARG A 187 -8.53 15.07 23.35
C ARG A 187 -9.83 14.46 23.88
N ARG A 188 -10.94 15.12 23.55
CA ARG A 188 -12.27 14.74 23.99
C ARG A 188 -13.03 14.03 22.86
N PHE A 189 -13.38 12.76 23.08
CA PHE A 189 -14.21 12.02 22.12
C PHE A 189 -15.54 11.58 22.71
N THR A 190 -16.62 11.97 22.04
CA THR A 190 -18.00 11.68 22.45
C THR A 190 -18.85 11.29 21.25
N SER A 191 -20.11 10.94 21.50
CA SER A 191 -21.05 10.67 20.41
C SER A 191 -21.15 11.87 19.46
N ALA A 192 -21.08 13.07 20.02
CA ALA A 192 -21.12 14.31 19.25
C ALA A 192 -19.90 14.49 18.35
N SER A 193 -18.72 14.15 18.87
CA SER A 193 -17.49 14.15 18.08
C SER A 193 -17.55 13.16 16.90
N ASP A 194 -18.09 11.96 17.14
CA ASP A 194 -18.33 10.97 16.05
C ASP A 194 -19.20 11.55 14.94
N VAL A 195 -20.22 12.31 15.32
CA VAL A 195 -21.11 12.92 14.34
C VAL A 195 -20.33 13.93 13.47
N TRP A 196 -19.46 14.73 14.08
CA TRP A 196 -18.61 15.66 13.30
C TRP A 196 -17.82 14.85 12.26
N MET A 197 -17.20 13.78 12.71
CA MET A 197 -16.38 12.92 11.85
C MET A 197 -17.21 12.28 10.72
N PHE A 198 -18.44 11.88 11.05
CA PHE A 198 -19.35 11.33 10.04
C PHE A 198 -19.66 12.37 8.97
N GLY A 199 -19.86 13.61 9.36
CA GLY A 199 -20.02 14.71 8.42
C GLY A 199 -18.88 14.74 7.41
N VAL A 200 -17.65 14.59 7.91
CA VAL A 200 -16.49 14.59 7.04
C VAL A 200 -16.48 13.36 6.15
N CYS A 201 -16.84 12.21 6.71
CA CYS A 201 -16.93 10.96 5.95
C CYS A 201 -17.92 11.11 4.80
N MET A 202 -19.09 11.71 5.09
CA MET A 202 -20.10 12.02 4.06
C MET A 202 -19.51 12.89 2.95
N TRP A 203 -18.81 13.95 3.33
CA TRP A 203 -18.09 14.79 2.37
C TRP A 203 -17.13 13.95 1.49
N GLU A 204 -16.38 13.04 2.10
CA GLU A 204 -15.43 12.16 1.36
C GLU A 204 -16.13 11.32 0.27
N ILE A 205 -17.25 10.72 0.65
CA ILE A 205 -18.06 9.86 -0.23
C ILE A 205 -18.56 10.66 -1.42
N LEU A 206 -19.12 11.82 -1.13
CA LEU A 206 -19.63 12.70 -2.16
C LEU A 206 -18.51 13.27 -3.04
N MET A 207 -17.29 13.34 -2.51
CA MET A 207 -16.11 13.74 -3.31
C MET A 207 -15.44 12.57 -4.04
N HIS A 208 -16.04 11.38 -4.00
CA HIS A 208 -15.44 10.18 -4.62
C HIS A 208 -14.10 9.81 -4.00
N GLY A 209 -14.03 9.95 -2.68
CA GLY A 209 -12.88 9.50 -1.92
C GLY A 209 -11.66 10.40 -1.97
N VAL A 210 -11.85 11.70 -2.21
CA VAL A 210 -10.77 12.66 -2.02
C VAL A 210 -10.70 12.99 -0.53
N LYS A 211 -9.49 13.14 0.00
CA LYS A 211 -9.31 13.48 1.43
C LYS A 211 -9.70 14.92 1.72
N PRO A 212 -10.17 15.19 2.94
CA PRO A 212 -10.46 16.57 3.30
C PRO A 212 -9.16 17.34 3.52
N PHE A 213 -9.22 18.65 3.30
CA PHE A 213 -8.09 19.56 3.53
C PHE A 213 -6.80 19.18 2.82
N GLN A 214 -6.88 18.75 1.57
CA GLN A 214 -5.66 18.39 0.83
C GLN A 214 -4.77 19.61 0.67
N GLY A 215 -3.47 19.38 0.81
CA GLY A 215 -2.48 20.46 0.74
C GLY A 215 -2.40 21.34 1.96
N VAL A 216 -3.08 20.96 3.04
CA VAL A 216 -3.01 21.71 4.31
C VAL A 216 -2.31 20.85 5.37
N LYS A 217 -1.42 21.46 6.14
CA LYS A 217 -0.75 20.76 7.24
C LYS A 217 -1.72 20.53 8.39
N ASN A 218 -1.60 19.36 9.02
CA ASN A 218 -2.44 19.00 10.17
C ASN A 218 -2.54 20.13 11.22
N ASN A 219 -1.44 20.86 11.43
CA ASN A 219 -1.39 21.97 12.40
C ASN A 219 -2.26 23.21 12.11
N ASP A 220 -2.48 23.51 10.84
CA ASP A 220 -3.32 24.64 10.43
C ASP A 220 -4.82 24.32 10.39
N VAL A 221 -5.21 23.08 10.67
CA VAL A 221 -6.61 22.67 10.54
C VAL A 221 -7.48 23.36 11.58
N ILE A 222 -7.11 23.23 12.85
CA ILE A 222 -7.88 23.83 13.93
C ILE A 222 -8.08 25.34 13.71
N GLY A 223 -7.04 26.02 13.23
CA GLY A 223 -7.10 27.46 12.96
C GLY A 223 -8.25 27.82 12.03
N ARG A 224 -8.40 27.05 10.96
CA ARG A 224 -9.47 27.31 9.99
C ARG A 224 -10.85 26.97 10.53
N ILE A 225 -10.95 25.87 11.29
CA ILE A 225 -12.23 25.48 11.90
C ILE A 225 -12.73 26.61 12.80
N GLU A 226 -11.84 27.09 13.67
CA GLU A 226 -12.14 28.18 14.62
C GLU A 226 -12.56 29.44 13.87
N ASN A 227 -11.84 29.72 12.79
CA ASN A 227 -12.17 30.81 11.87
C ASN A 227 -13.55 30.66 11.22
N GLY A 228 -14.16 29.49 11.34
CA GLY A 228 -15.51 29.24 10.84
C GLY A 228 -15.55 28.65 9.44
N GLU A 229 -14.38 28.25 8.93
CA GLU A 229 -14.28 27.62 7.63
C GLU A 229 -14.72 26.16 7.70
N ARG A 230 -15.45 25.72 6.68
CA ARG A 230 -15.90 24.34 6.57
C ARG A 230 -15.58 23.81 5.19
N LEU A 231 -15.60 22.49 5.04
CA LEU A 231 -15.34 21.90 3.72
C LEU A 231 -16.44 22.35 2.77
N PRO A 232 -16.08 22.67 1.52
CA PRO A 232 -17.08 23.23 0.63
C PRO A 232 -18.03 22.17 0.09
N MET A 233 -19.14 22.60 -0.49
CA MET A 233 -20.13 21.71 -1.08
C MET A 233 -19.55 20.93 -2.26
N PRO A 234 -19.56 19.59 -2.20
CA PRO A 234 -19.01 18.85 -3.33
C PRO A 234 -19.79 19.07 -4.63
N PRO A 235 -19.11 18.99 -5.77
CA PRO A 235 -19.86 19.13 -7.02
C PRO A 235 -20.96 18.08 -7.13
N ASN A 236 -22.14 18.49 -7.60
CA ASN A 236 -23.31 17.61 -7.76
C ASN A 236 -23.92 17.10 -6.45
N CYS A 237 -23.53 17.69 -5.33
CA CYS A 237 -24.08 17.32 -4.03
C CYS A 237 -25.42 18.04 -3.83
N PRO A 238 -26.48 17.30 -3.47
CA PRO A 238 -27.78 17.94 -3.24
C PRO A 238 -27.72 18.92 -2.07
N PRO A 239 -28.38 20.09 -2.18
CA PRO A 239 -28.31 21.10 -1.11
C PRO A 239 -28.77 20.59 0.25
N THR A 240 -29.84 19.80 0.23
CA THR A 240 -30.31 19.09 1.40
C THR A 240 -29.17 18.33 2.13
N LEU A 241 -28.34 17.60 1.37
CA LEU A 241 -27.28 16.77 1.92
C LEU A 241 -26.14 17.60 2.51
N TYR A 242 -25.69 18.62 1.77
CA TYR A 242 -24.63 19.52 2.25
C TYR A 242 -25.06 20.20 3.54
N SER A 243 -26.31 20.62 3.58
CA SER A 243 -26.87 21.26 4.76
C SER A 243 -26.84 20.32 5.98
N LEU A 244 -27.10 19.03 5.75
CA LEU A 244 -26.94 17.99 6.77
C LEU A 244 -25.49 17.88 7.24
N MET A 245 -24.56 17.91 6.29
CA MET A 245 -23.14 17.93 6.60
C MET A 245 -22.83 19.12 7.51
N THR A 246 -23.36 20.28 7.14
CA THR A 246 -23.05 21.52 7.88
C THR A 246 -23.58 21.45 9.32
N LYS A 247 -24.76 20.85 9.52
CA LYS A 247 -25.29 20.59 10.87
C LYS A 247 -24.35 19.72 11.73
N CYS A 248 -23.71 18.75 11.08
CA CYS A 248 -22.74 17.87 11.74
C CYS A 248 -21.50 18.65 12.21
N TRP A 249 -21.22 19.76 11.56
CA TRP A 249 -20.03 20.54 11.88
C TRP A 249 -20.36 21.82 12.67
N ALA A 250 -21.42 21.78 13.48
CA ALA A 250 -21.62 22.89 14.42
C ALA A 250 -20.47 22.84 15.40
N TYR A 251 -19.87 23.99 15.67
CA TYR A 251 -18.72 24.07 16.55
C TYR A 251 -19.08 23.58 17.96
N ASP A 252 -20.23 24.00 18.45
CA ASP A 252 -20.78 23.54 19.71
C ASP A 252 -21.30 22.10 19.55
N PRO A 253 -20.67 21.14 20.24
CA PRO A 253 -21.07 19.72 20.15
C PRO A 253 -22.56 19.50 20.45
N SER A 254 -23.13 20.29 21.36
CA SER A 254 -24.52 20.10 21.80
C SER A 254 -25.56 20.49 20.74
N ARG A 255 -25.13 21.18 19.69
CA ARG A 255 -26.00 21.54 18.58
C ARG A 255 -25.95 20.54 17.41
N ARG A 256 -25.05 19.57 17.48
CA ARG A 256 -24.95 18.56 16.42
C ARG A 256 -26.12 17.60 16.50
N PRO A 257 -26.64 17.15 15.35
CA PRO A 257 -27.66 16.11 15.40
C PRO A 257 -27.13 14.78 15.98
N ARG A 258 -28.06 13.89 16.31
CA ARG A 258 -27.75 12.50 16.65
C ARG A 258 -27.97 11.63 15.41
N PHE A 259 -27.47 10.40 15.47
CA PHE A 259 -27.54 9.50 14.30
C PHE A 259 -28.96 9.06 13.95
N THR A 260 -29.87 9.02 14.92
CA THR A 260 -31.26 8.72 14.61
C THR A 260 -31.84 9.74 13.61
N GLU A 261 -31.61 11.03 13.86
CA GLU A 261 -32.05 12.09 12.93
C GLU A 261 -31.27 12.02 11.58
N LEU A 262 -29.96 11.79 11.63
CA LEU A 262 -29.16 11.71 10.39
C LEU A 262 -29.65 10.59 9.50
N LYS A 263 -29.89 9.43 10.10
CA LYS A 263 -30.43 8.25 9.42
C LYS A 263 -31.79 8.55 8.75
N ALA A 264 -32.71 9.14 9.50
CA ALA A 264 -34.03 9.47 8.95
C ALA A 264 -33.94 10.48 7.79
N GLN A 265 -33.10 11.50 7.95
CA GLN A 265 -32.92 12.51 6.92
C GLN A 265 -32.27 11.93 5.66
N LEU A 266 -31.23 11.12 5.86
CA LEU A 266 -30.60 10.43 4.73
C LEU A 266 -31.55 9.49 3.99
N SER A 267 -32.47 8.87 4.72
CA SER A 267 -33.46 8.01 4.08
C SER A 267 -34.37 8.80 3.13
N THR A 268 -34.88 9.94 3.58
CA THR A 268 -35.66 10.86 2.74
C THR A 268 -34.87 11.42 1.56
N ILE A 269 -33.62 11.80 1.78
CA ILE A 269 -32.80 12.33 0.69
C ILE A 269 -32.56 11.25 -0.36
N LEU A 270 -32.26 10.05 0.11
CA LEU A 270 -32.08 8.90 -0.76
C LEU A 270 -33.31 8.66 -1.63
N GLU A 271 -34.51 8.76 -1.04
CA GLU A 271 -35.76 8.52 -1.77
C GLU A 271 -36.02 9.59 -2.83
N GLU A 272 -35.76 10.83 -2.46
CA GLU A 272 -35.93 11.95 -3.39
C GLU A 272 -35.01 11.80 -4.58
N GLU A 273 -33.79 11.37 -4.30
CA GLU A 273 -32.81 11.16 -5.35
C GLU A 273 -33.19 10.01 -6.28
N LYS A 274 -33.77 8.96 -5.70
CA LYS A 274 -34.30 7.83 -6.49
C LYS A 274 -35.50 8.23 -7.35
N LEU A 275 -36.31 9.18 -6.89
CA LEU A 275 -37.44 9.73 -7.69
C LEU A 275 -36.94 10.59 -8.87
N GLN A 276 -35.70 11.07 -8.81
CA GLN A 276 -35.06 11.71 -9.97
C GLN A 276 -34.68 10.64 -11.00
N TYR B 5 24.73 -21.14 -0.14
CA TYR B 5 25.52 -22.41 -0.34
C TYR B 5 24.61 -23.52 -0.91
N GLU B 6 25.18 -24.70 -1.15
CA GLU B 6 24.50 -25.76 -1.89
C GLU B 6 23.35 -26.33 -1.08
N ILE B 7 22.20 -26.49 -1.75
CA ILE B 7 21.03 -27.16 -1.22
C ILE B 7 20.83 -28.42 -2.06
N GLN B 8 20.17 -29.43 -1.48
CA GLN B 8 19.87 -30.66 -2.21
C GLN B 8 18.44 -30.61 -2.75
N ARG B 9 18.29 -31.01 -4.02
CA ARG B 9 17.07 -30.77 -4.78
C ARG B 9 15.80 -31.34 -4.14
N GLU B 10 15.90 -32.46 -3.44
CA GLU B 10 14.73 -33.07 -2.79
C GLU B 10 14.20 -32.24 -1.61
N ARG B 11 15.02 -31.35 -1.07
CA ARG B 11 14.57 -30.41 -0.05
C ARG B 11 13.70 -29.30 -0.61
N ILE B 12 13.68 -29.17 -1.93
CA ILE B 12 12.86 -28.17 -2.61
C ILE B 12 11.65 -28.83 -3.27
N GLU B 13 10.46 -28.41 -2.84
CA GLU B 13 9.23 -28.73 -3.53
C GLU B 13 8.87 -27.58 -4.46
N LEU B 14 9.06 -27.80 -5.76
CA LEU B 14 8.75 -26.79 -6.78
C LEU B 14 7.25 -26.60 -6.95
N GLY B 15 6.77 -25.39 -6.63
CA GLY B 15 5.37 -25.02 -6.80
C GLY B 15 5.11 -24.44 -8.19
N ARG B 16 4.15 -23.53 -8.27
CA ARG B 16 3.73 -22.94 -9.54
C ARG B 16 4.74 -21.97 -10.16
N CYS B 17 4.69 -21.86 -11.49
CA CYS B 17 5.47 -20.87 -12.23
C CYS B 17 4.86 -19.49 -12.01
N ILE B 18 5.69 -18.53 -11.62
CA ILE B 18 5.24 -17.15 -11.39
C ILE B 18 5.98 -16.11 -12.24
N GLY B 19 6.74 -16.57 -13.23
CA GLY B 19 7.43 -15.68 -14.16
C GLY B 19 8.21 -16.47 -15.18
N GLU B 20 7.94 -16.24 -16.47
CA GLU B 20 8.67 -16.91 -17.55
C GLU B 20 9.87 -16.07 -18.04
N GLY B 21 10.75 -16.71 -18.82
CA GLY B 21 11.91 -16.01 -19.41
C GLY B 21 12.52 -16.77 -20.58
N GLN B 22 13.43 -16.11 -21.30
CA GLN B 22 14.11 -16.70 -22.47
C GLN B 22 14.96 -17.91 -22.06
N PHE B 23 15.89 -17.68 -21.14
CA PHE B 23 16.86 -18.67 -20.67
C PHE B 23 16.48 -19.40 -19.37
N GLY B 24 15.48 -18.89 -18.66
CA GLY B 24 14.95 -19.57 -17.46
C GLY B 24 13.67 -18.95 -16.93
N ASP B 25 13.00 -19.66 -16.03
CA ASP B 25 11.73 -19.23 -15.43
C ASP B 25 11.79 -19.13 -13.90
N VAL B 26 10.72 -18.59 -13.30
CA VAL B 26 10.64 -18.40 -11.85
C VAL B 26 9.38 -19.03 -11.26
N HIS B 27 9.58 -19.77 -10.16
CA HIS B 27 8.48 -20.47 -9.47
C HIS B 27 8.45 -20.12 -7.99
N GLN B 28 7.28 -20.28 -7.38
CA GLN B 28 7.20 -20.44 -5.94
C GLN B 28 7.59 -21.86 -5.60
N GLY B 29 7.90 -22.08 -4.33
CA GLY B 29 8.13 -23.42 -3.82
C GLY B 29 8.34 -23.43 -2.32
N ILE B 30 8.78 -24.57 -1.80
CA ILE B 30 8.98 -24.76 -0.37
C ILE B 30 10.36 -25.35 -0.11
N TYR B 31 11.11 -24.72 0.78
CA TYR B 31 12.39 -25.25 1.25
C TYR B 31 12.25 -25.78 2.67
N MET B 32 12.51 -27.08 2.84
CA MET B 32 12.39 -27.74 4.13
C MET B 32 13.78 -28.08 4.61
N SER B 33 14.35 -27.19 5.42
CA SER B 33 15.72 -27.35 5.88
C SER B 33 15.76 -28.34 7.05
N PRO B 34 16.95 -28.90 7.35
CA PRO B 34 17.03 -29.73 8.56
C PRO B 34 16.87 -28.88 9.81
N GLU B 35 17.38 -27.64 9.75
CA GLU B 35 17.38 -26.73 10.89
C GLU B 35 16.01 -26.11 11.15
N ASN B 36 15.37 -25.60 10.11
CA ASN B 36 14.10 -24.87 10.24
C ASN B 36 12.97 -25.54 9.47
N PRO B 37 11.71 -25.23 9.83
CA PRO B 37 10.56 -25.87 9.19
C PRO B 37 10.37 -25.37 7.78
N ALA B 38 9.48 -26.02 7.05
CA ALA B 38 9.21 -25.67 5.67
C ALA B 38 9.13 -24.15 5.51
N MET B 39 9.93 -23.63 4.60
CA MET B 39 10.06 -22.21 4.35
C MET B 39 9.60 -21.94 2.93
N ALA B 40 8.85 -20.86 2.75
CA ALA B 40 8.42 -20.42 1.42
C ALA B 40 9.58 -19.71 0.71
N VAL B 41 9.78 -20.07 -0.56
CA VAL B 41 10.90 -19.53 -1.35
C VAL B 41 10.48 -19.24 -2.77
N ALA B 42 11.30 -18.44 -3.46
CA ALA B 42 11.20 -18.25 -4.89
C ALA B 42 12.31 -19.11 -5.49
N ILE B 43 12.06 -19.67 -6.67
CA ILE B 43 13.05 -20.54 -7.32
C ILE B 43 13.21 -20.10 -8.77
N LYS B 44 14.40 -19.65 -9.12
CA LYS B 44 14.71 -19.34 -10.51
C LYS B 44 15.34 -20.57 -11.14
N THR B 45 14.79 -21.00 -12.26
CA THR B 45 15.27 -22.18 -12.97
C THR B 45 15.95 -21.76 -14.27
N CYS B 46 16.92 -22.57 -14.68
CA CYS B 46 17.67 -22.40 -15.91
C CYS B 46 17.28 -23.56 -16.82
N LYS B 47 16.99 -23.27 -18.08
CA LYS B 47 16.61 -24.32 -19.03
C LYS B 47 17.80 -25.22 -19.40
N ASN B 48 17.49 -26.49 -19.69
CA ASN B 48 18.49 -27.49 -20.08
C ASN B 48 19.32 -27.09 -21.31
N CYS B 49 18.68 -26.34 -22.22
CA CYS B 49 19.28 -25.96 -23.51
C CYS B 49 20.06 -24.64 -23.45
N THR B 50 20.09 -24.04 -22.27
CA THR B 50 20.88 -22.84 -22.02
C THR B 50 22.39 -23.15 -22.06
N SER B 51 23.16 -22.28 -22.73
CA SER B 51 24.63 -22.37 -22.82
C SER B 51 25.33 -22.37 -21.46
N ASP B 52 26.54 -22.90 -21.40
CA ASP B 52 27.37 -22.85 -20.20
C ASP B 52 27.60 -21.40 -19.80
N SER B 53 27.76 -20.55 -20.81
CA SER B 53 27.97 -19.13 -20.59
C SER B 53 26.79 -18.46 -19.85
N VAL B 54 25.58 -18.73 -20.31
CA VAL B 54 24.42 -18.13 -19.63
C VAL B 54 24.20 -18.81 -18.28
N ARG B 55 24.41 -20.12 -18.22
CA ARG B 55 24.37 -20.86 -16.97
C ARG B 55 25.29 -20.22 -15.91
N GLU B 56 26.50 -19.87 -16.32
CA GLU B 56 27.44 -19.17 -15.46
C GLU B 56 26.84 -17.87 -14.86
N LYS B 57 26.06 -17.14 -15.66
CA LYS B 57 25.43 -15.89 -15.22
C LYS B 57 24.45 -16.13 -14.09
N PHE B 58 23.70 -17.23 -14.15
CA PHE B 58 22.80 -17.61 -13.07
C PHE B 58 23.57 -17.81 -11.79
N LEU B 59 24.58 -18.67 -11.84
CA LEU B 59 25.42 -18.92 -10.67
C LEU B 59 26.04 -17.62 -10.19
N GLN B 60 26.42 -16.76 -11.13
CA GLN B 60 27.00 -15.47 -10.80
C GLN B 60 26.00 -14.58 -10.06
N GLU B 61 24.73 -14.62 -10.43
CA GLU B 61 23.75 -13.82 -9.70
C GLU B 61 23.64 -14.26 -8.23
N ALA B 62 23.69 -15.57 -8.00
CA ALA B 62 23.67 -16.11 -6.64
C ALA B 62 24.94 -15.76 -5.89
N LEU B 63 26.11 -15.93 -6.52
CA LEU B 63 27.35 -15.57 -5.88
C LEU B 63 27.31 -14.10 -5.43
N THR B 64 26.75 -13.23 -6.27
CA THR B 64 26.66 -11.80 -5.99
C THR B 64 25.73 -11.51 -4.80
N MET B 65 24.54 -12.11 -4.82
CA MET B 65 23.55 -11.84 -3.78
C MET B 65 23.95 -12.35 -2.40
N ARG B 66 24.80 -13.38 -2.34
CA ARG B 66 25.20 -13.96 -1.06
C ARG B 66 26.16 -13.06 -0.27
N GLN B 67 26.81 -12.12 -0.96
CA GLN B 67 27.67 -11.13 -0.31
C GLN B 67 26.87 -10.05 0.43
N PHE B 68 25.55 -10.03 0.24
CA PHE B 68 24.72 -8.94 0.77
C PHE B 68 23.77 -9.36 1.89
N ASP B 69 23.68 -8.48 2.89
CA ASP B 69 22.84 -8.67 4.05
C ASP B 69 22.18 -7.34 4.37
N HIS B 70 20.98 -7.15 3.85
CA HIS B 70 20.26 -5.90 4.03
C HIS B 70 18.74 -6.12 3.98
N PRO B 71 17.97 -5.40 4.83
CA PRO B 71 16.53 -5.67 4.85
C PRO B 71 15.78 -5.34 3.56
N HIS B 72 16.35 -4.49 2.71
CA HIS B 72 15.72 -4.13 1.42
C HIS B 72 16.48 -4.68 0.20
N ILE B 73 17.22 -5.76 0.42
CA ILE B 73 17.79 -6.57 -0.66
C ILE B 73 17.31 -8.01 -0.49
N VAL B 74 16.80 -8.60 -1.58
CA VAL B 74 16.36 -10.01 -1.57
C VAL B 74 17.48 -10.92 -1.11
N LYS B 75 17.14 -11.86 -0.22
CA LYS B 75 18.11 -12.80 0.31
C LYS B 75 18.28 -14.04 -0.58
N LEU B 76 19.53 -14.45 -0.76
CA LEU B 76 19.84 -15.77 -1.31
C LEU B 76 19.72 -16.81 -0.19
N ILE B 77 19.17 -17.96 -0.54
CA ILE B 77 19.00 -19.06 0.39
C ILE B 77 19.99 -20.17 0.05
N GLY B 78 20.00 -20.58 -1.21
CA GLY B 78 21.02 -21.46 -1.74
C GLY B 78 20.86 -21.73 -3.22
N VAL B 79 21.66 -22.68 -3.71
CA VAL B 79 21.68 -23.02 -5.13
C VAL B 79 21.75 -24.52 -5.31
N ILE B 80 21.22 -25.00 -6.43
CA ILE B 80 21.43 -26.39 -6.87
C ILE B 80 22.34 -26.30 -8.10
N THR B 81 23.59 -26.72 -7.95
CA THR B 81 24.62 -26.58 -9.00
C THR B 81 24.50 -27.68 -10.05
N GLU B 82 23.89 -28.81 -9.66
CA GLU B 82 23.61 -29.87 -10.60
C GLU B 82 22.57 -29.42 -11.61
N ASN B 83 22.82 -29.72 -12.88
CA ASN B 83 21.92 -29.36 -13.97
C ASN B 83 20.57 -30.12 -13.87
N PRO B 84 19.43 -29.41 -14.03
CA PRO B 84 19.24 -27.97 -14.27
C PRO B 84 19.47 -27.14 -13.02
N VAL B 85 20.17 -26.01 -13.18
CA VAL B 85 20.53 -25.17 -12.05
C VAL B 85 19.30 -24.43 -11.54
N TRP B 86 19.14 -24.41 -10.23
CA TRP B 86 18.06 -23.68 -9.55
C TRP B 86 18.67 -22.74 -8.52
N ILE B 87 18.22 -21.48 -8.53
CA ILE B 87 18.63 -20.53 -7.51
C ILE B 87 17.46 -20.31 -6.53
N ILE B 88 17.70 -20.59 -5.26
CA ILE B 88 16.65 -20.48 -4.25
C ILE B 88 16.81 -19.15 -3.50
N MET B 89 15.78 -18.31 -3.54
CA MET B 89 15.80 -17.06 -2.77
C MET B 89 14.55 -16.87 -1.94
N GLU B 90 14.64 -15.90 -1.04
CA GLU B 90 13.50 -15.47 -0.26
C GLU B 90 12.35 -15.08 -1.18
N LEU B 91 11.12 -15.36 -0.73
CA LEU B 91 9.92 -15.07 -1.50
C LEU B 91 9.30 -13.74 -1.09
N CYS B 92 9.21 -12.81 -2.04
CA CYS B 92 8.50 -11.56 -1.84
C CYS B 92 7.10 -11.74 -2.41
N THR B 93 6.15 -12.03 -1.52
CA THR B 93 4.84 -12.57 -1.91
C THR B 93 3.91 -11.65 -2.69
N LEU B 94 4.17 -10.34 -2.70
CA LEU B 94 3.33 -9.43 -3.48
C LEU B 94 3.90 -9.20 -4.91
N GLY B 95 5.04 -9.83 -5.19
CA GLY B 95 5.58 -9.87 -6.54
C GLY B 95 6.26 -8.59 -7.01
N GLU B 96 6.10 -8.31 -8.31
CA GLU B 96 6.84 -7.25 -9.00
C GLU B 96 6.29 -5.87 -8.65
N LEU B 97 7.20 -4.91 -8.43
CA LEU B 97 6.81 -3.54 -8.08
C LEU B 97 5.91 -2.83 -9.14
N ARG B 98 6.27 -2.92 -10.41
CA ARG B 98 5.50 -2.24 -11.46
C ARG B 98 4.03 -2.67 -11.48
N SER B 99 3.81 -3.97 -11.47
CA SER B 99 2.45 -4.49 -11.48
C SER B 99 1.74 -4.11 -10.20
N PHE B 100 2.45 -4.24 -9.08
CA PHE B 100 1.90 -3.84 -7.79
C PHE B 100 1.44 -2.39 -7.78
N LEU B 101 2.21 -1.51 -8.42
CA LEU B 101 1.86 -0.09 -8.51
C LEU B 101 0.67 0.22 -9.44
N GLN B 102 0.57 -0.51 -10.54
CA GLN B 102 -0.52 -0.30 -11.51
C GLN B 102 -1.82 -0.78 -10.89
N VAL B 103 -1.79 -2.02 -10.41
CA VAL B 103 -2.96 -2.68 -9.83
C VAL B 103 -3.49 -2.00 -8.56
N ARG B 104 -2.61 -1.68 -7.62
CA ARG B 104 -3.03 -1.03 -6.37
C ARG B 104 -2.95 0.50 -6.47
N LYS B 105 -2.96 1.05 -7.68
CA LYS B 105 -2.76 2.49 -7.91
C LYS B 105 -3.54 3.41 -6.98
N PHE B 106 -4.86 3.24 -6.96
CA PHE B 106 -5.74 4.10 -6.15
C PHE B 106 -5.77 3.73 -4.67
N SER B 107 -5.10 2.62 -4.31
CA SER B 107 -4.92 2.24 -2.90
C SER B 107 -3.59 2.76 -2.33
N LEU B 108 -2.69 3.22 -3.21
CA LEU B 108 -1.35 3.68 -2.82
C LEU B 108 -1.21 5.19 -2.87
N ASP B 109 -1.38 5.80 -1.71
CA ASP B 109 -1.14 7.21 -1.50
C ASP B 109 0.33 7.59 -1.60
N LEU B 110 0.59 8.89 -1.57
CA LEU B 110 1.92 9.43 -1.73
C LEU B 110 2.94 8.97 -0.68
N ALA B 111 2.53 8.91 0.59
CA ALA B 111 3.46 8.49 1.64
C ALA B 111 4.03 7.09 1.35
N SER B 112 3.22 6.21 0.79
CA SER B 112 3.70 4.88 0.42
C SER B 112 4.75 4.95 -0.72
N LEU B 113 4.47 5.78 -1.72
CA LEU B 113 5.36 5.88 -2.87
C LEU B 113 6.71 6.44 -2.45
N ILE B 114 6.68 7.43 -1.56
CA ILE B 114 7.90 8.02 -1.02
C ILE B 114 8.66 7.03 -0.13
N LEU B 115 7.93 6.26 0.69
CA LEU B 115 8.55 5.22 1.49
C LEU B 115 9.32 4.24 0.60
N TYR B 116 8.74 3.84 -0.52
CA TYR B 116 9.41 2.88 -1.41
C TYR B 116 10.71 3.43 -1.95
N ALA B 117 10.67 4.70 -2.36
CA ALA B 117 11.88 5.38 -2.80
C ALA B 117 12.93 5.42 -1.71
N TYR B 118 12.51 5.77 -0.49
CA TYR B 118 13.42 5.79 0.64
C TYR B 118 14.01 4.42 0.90
N GLN B 119 13.18 3.38 0.97
CA GLN B 119 13.70 2.04 1.25
C GLN B 119 14.74 1.61 0.20
N LEU B 120 14.44 1.85 -1.07
CA LEU B 120 15.37 1.55 -2.15
C LEU B 120 16.64 2.35 -2.00
N SER B 121 16.54 3.63 -1.62
CA SER B 121 17.75 4.41 -1.34
C SER B 121 18.59 3.79 -0.23
N THR B 122 17.98 3.15 0.77
CA THR B 122 18.77 2.53 1.85
C THR B 122 19.51 1.29 1.36
N ALA B 123 18.88 0.54 0.46
CA ALA B 123 19.52 -0.60 -0.14
C ALA B 123 20.69 -0.15 -1.02
N LEU B 124 20.46 0.92 -1.78
CA LEU B 124 21.47 1.44 -2.71
C LEU B 124 22.63 2.09 -1.99
N ALA B 125 22.35 2.76 -0.88
CA ALA B 125 23.40 3.30 -0.02
C ALA B 125 24.26 2.17 0.52
N TYR B 126 23.61 1.07 0.88
CA TYR B 126 24.30 -0.11 1.39
C TYR B 126 25.17 -0.71 0.29
N LEU B 127 24.64 -0.83 -0.93
CA LEU B 127 25.47 -1.37 -2.02
C LEU B 127 26.66 -0.44 -2.34
N GLU B 128 26.42 0.86 -2.26
CA GLU B 128 27.47 1.87 -2.42
C GLU B 128 28.52 1.70 -1.37
N SER B 129 28.10 1.41 -0.13
CA SER B 129 29.03 1.15 0.97
C SER B 129 29.91 -0.07 0.71
N LYS B 130 29.42 -1.00 -0.12
CA LYS B 130 30.23 -2.14 -0.56
C LYS B 130 30.98 -1.94 -1.89
N ARG B 131 30.93 -0.74 -2.45
CA ARG B 131 31.55 -0.47 -3.75
C ARG B 131 31.00 -1.43 -4.83
N PHE B 132 29.73 -1.75 -4.72
CA PHE B 132 29.04 -2.56 -5.74
C PHE B 132 28.26 -1.65 -6.69
N VAL B 133 28.44 -1.85 -7.99
CA VAL B 133 27.74 -1.07 -9.01
C VAL B 133 26.67 -1.98 -9.64
N HIS B 134 25.42 -1.56 -9.58
CA HIS B 134 24.29 -2.39 -9.98
C HIS B 134 24.06 -2.48 -11.50
N ARG B 135 24.06 -1.33 -12.17
CA ARG B 135 23.89 -1.21 -13.64
C ARG B 135 22.48 -1.34 -14.24
N ASP B 136 21.51 -1.74 -13.44
CA ASP B 136 20.14 -1.93 -13.96
C ASP B 136 19.05 -1.60 -12.93
N ILE B 137 19.13 -0.38 -12.37
CA ILE B 137 18.16 0.06 -11.37
C ILE B 137 16.88 0.55 -12.06
N ALA B 138 15.77 -0.10 -11.74
CA ALA B 138 14.51 0.14 -12.43
C ALA B 138 13.40 -0.56 -11.68
N ALA B 139 12.17 -0.08 -11.83
CA ALA B 139 11.05 -0.63 -11.08
C ALA B 139 10.85 -2.13 -11.35
N ARG B 140 11.12 -2.58 -12.59
CA ARG B 140 10.99 -3.99 -12.97
C ARG B 140 11.86 -4.94 -12.13
N ASN B 141 12.93 -4.38 -11.54
CA ASN B 141 13.86 -5.15 -10.70
C ASN B 141 13.67 -5.01 -9.18
N VAL B 142 12.53 -4.48 -8.79
CA VAL B 142 12.15 -4.33 -7.39
C VAL B 142 10.97 -5.24 -7.08
N LEU B 143 11.02 -5.87 -5.91
CA LEU B 143 9.95 -6.77 -5.48
C LEU B 143 9.27 -6.25 -4.23
N VAL B 144 8.09 -6.78 -3.93
CA VAL B 144 7.28 -6.30 -2.81
C VAL B 144 7.06 -7.43 -1.79
N SER B 145 7.67 -7.28 -0.61
CA SER B 145 7.48 -8.26 0.46
C SER B 145 6.17 -8.03 1.18
N ALA B 146 5.81 -6.76 1.32
CA ALA B 146 4.61 -6.38 2.04
C ALA B 146 4.24 -4.99 1.54
N THR B 147 3.06 -4.50 1.91
CA THR B 147 2.63 -3.21 1.36
C THR B 147 3.51 -2.08 1.92
N ASP B 148 4.18 -2.32 3.04
CA ASP B 148 5.15 -1.35 3.58
C ASP B 148 6.63 -1.78 3.41
N CYS B 149 6.93 -2.67 2.45
CA CYS B 149 8.31 -3.19 2.30
C CYS B 149 8.65 -3.65 0.89
N VAL B 150 9.56 -2.92 0.25
CA VAL B 150 10.10 -3.30 -1.06
C VAL B 150 11.56 -3.72 -0.94
N LYS B 151 11.97 -4.57 -1.86
CA LYS B 151 13.32 -5.11 -1.88
C LYS B 151 13.86 -5.11 -3.30
N LEU B 152 15.11 -4.71 -3.44
CA LEU B 152 15.83 -4.86 -4.69
C LEU B 152 15.99 -6.35 -4.95
N GLY B 153 15.53 -6.83 -6.11
CA GLY B 153 15.32 -8.27 -6.32
C GLY B 153 16.11 -9.02 -7.39
N ASP B 154 16.96 -8.31 -8.12
CA ASP B 154 17.62 -8.84 -9.31
C ASP B 154 18.96 -8.17 -9.46
N PHE B 155 20.00 -8.95 -9.77
CA PHE B 155 21.33 -8.40 -9.95
C PHE B 155 21.98 -8.82 -11.27
N GLY B 156 21.15 -9.04 -12.30
CA GLY B 156 21.64 -9.17 -13.67
C GLY B 156 21.10 -10.39 -14.36
N LEU B 174 19.38 -3.61 -24.09
CA LEU B 174 19.80 -2.76 -22.99
C LEU B 174 18.70 -1.82 -22.53
N PRO B 175 18.72 -1.43 -21.23
CA PRO B 175 17.71 -0.55 -20.69
C PRO B 175 18.06 0.93 -20.93
N ILE B 176 18.11 1.31 -22.21
CA ILE B 176 18.58 2.63 -22.65
C ILE B 176 17.81 3.76 -21.95
N LYS B 177 16.51 3.58 -21.82
CA LYS B 177 15.64 4.61 -21.25
C LYS B 177 15.92 4.90 -19.76
N TRP B 178 16.63 4.01 -19.09
CA TRP B 178 17.00 4.20 -17.67
C TRP B 178 18.45 4.64 -17.50
N MET B 179 19.23 4.58 -18.56
CA MET B 179 20.69 4.67 -18.45
C MET B 179 21.20 6.11 -18.48
N ALA B 180 22.26 6.36 -17.71
CA ALA B 180 22.98 7.64 -17.74
C ALA B 180 23.60 7.89 -19.13
N PRO B 181 23.80 9.17 -19.49
CA PRO B 181 24.38 9.51 -20.80
C PRO B 181 25.72 8.82 -21.08
N GLU B 182 26.59 8.79 -20.06
CA GLU B 182 27.89 8.12 -20.19
C GLU B 182 27.77 6.59 -20.35
N SER B 183 26.67 6.01 -19.85
CA SER B 183 26.42 4.59 -20.05
C SER B 183 25.96 4.31 -21.48
N ILE B 184 25.15 5.21 -22.02
CA ILE B 184 24.68 5.09 -23.40
C ILE B 184 25.82 5.36 -24.40
N ASN B 185 26.57 6.43 -24.19
CA ASN B 185 27.65 6.84 -25.10
C ASN B 185 28.88 5.93 -25.05
N PHE B 186 29.22 5.42 -23.87
CA PHE B 186 30.50 4.69 -23.71
C PHE B 186 30.43 3.33 -23.01
N ARG B 187 29.23 2.87 -22.68
CA ARG B 187 29.04 1.68 -21.84
C ARG B 187 29.79 1.80 -20.49
N ARG B 188 29.93 3.02 -19.99
CA ARG B 188 30.56 3.26 -18.69
C ARG B 188 29.50 3.22 -17.56
N PHE B 189 29.69 2.30 -16.63
CA PHE B 189 28.82 2.20 -15.46
C PHE B 189 29.64 2.41 -14.18
N THR B 190 29.16 3.33 -13.33
CA THR B 190 29.81 3.66 -12.06
C THR B 190 28.72 3.88 -11.01
N SER B 191 29.12 4.18 -9.77
CA SER B 191 28.16 4.52 -8.74
C SER B 191 27.32 5.73 -9.17
N ALA B 192 27.94 6.66 -9.89
CA ALA B 192 27.21 7.82 -10.39
C ALA B 192 26.12 7.47 -11.43
N SER B 193 26.39 6.49 -12.28
CA SER B 193 25.38 6.09 -13.27
C SER B 193 24.22 5.36 -12.58
N ASP B 194 24.50 4.62 -11.50
CA ASP B 194 23.45 4.04 -10.67
C ASP B 194 22.51 5.10 -10.11
N VAL B 195 23.06 6.26 -9.75
CA VAL B 195 22.28 7.36 -9.21
C VAL B 195 21.35 7.91 -10.27
N TRP B 196 21.82 8.09 -11.50
CA TRP B 196 20.95 8.45 -12.62
C TRP B 196 19.78 7.46 -12.75
N MET B 197 20.08 6.17 -12.74
CA MET B 197 19.06 5.15 -12.93
C MET B 197 18.06 5.19 -11.80
N PHE B 198 18.56 5.41 -10.58
CA PHE B 198 17.67 5.54 -9.43
C PHE B 198 16.72 6.70 -9.57
N GLY B 199 17.19 7.81 -10.12
CA GLY B 199 16.29 8.94 -10.37
C GLY B 199 15.14 8.54 -11.28
N VAL B 200 15.44 7.73 -12.31
CA VAL B 200 14.40 7.21 -13.20
C VAL B 200 13.46 6.27 -12.45
N CYS B 201 14.04 5.40 -11.63
CA CYS B 201 13.24 4.49 -10.80
C CYS B 201 12.25 5.25 -9.88
N MET B 202 12.71 6.32 -9.25
CA MET B 202 11.84 7.16 -8.43
C MET B 202 10.72 7.75 -9.26
N TRP B 203 11.04 8.19 -10.47
CA TRP B 203 10.03 8.73 -11.39
C TRP B 203 8.95 7.67 -11.69
N GLU B 204 9.40 6.45 -11.95
CA GLU B 204 8.51 5.33 -12.21
C GLU B 204 7.54 5.10 -11.05
N ILE B 205 8.10 5.11 -9.83
CA ILE B 205 7.33 4.89 -8.63
C ILE B 205 6.26 5.97 -8.47
N LEU B 206 6.67 7.23 -8.60
CA LEU B 206 5.74 8.35 -8.45
C LEU B 206 4.71 8.39 -9.60
N MET B 207 5.02 7.72 -10.71
CA MET B 207 4.08 7.56 -11.84
C MET B 207 3.23 6.29 -11.75
N HIS B 208 3.24 5.62 -10.61
CA HIS B 208 2.50 4.37 -10.40
C HIS B 208 2.82 3.27 -11.45
N GLY B 209 4.09 3.15 -11.81
CA GLY B 209 4.55 2.06 -12.68
C GLY B 209 4.44 2.30 -14.18
N VAL B 210 4.28 3.56 -14.58
CA VAL B 210 4.37 3.93 -15.99
C VAL B 210 5.85 3.90 -16.36
N LYS B 211 6.14 3.34 -17.53
CA LYS B 211 7.51 3.29 -18.04
C LYS B 211 7.91 4.68 -18.50
N PRO B 212 9.18 5.05 -18.34
CA PRO B 212 9.65 6.32 -18.86
C PRO B 212 9.82 6.27 -20.36
N PHE B 213 9.74 7.42 -21.01
CA PHE B 213 9.90 7.55 -22.48
C PHE B 213 8.97 6.61 -23.26
N GLN B 214 7.71 6.52 -22.84
CA GLN B 214 6.79 5.58 -23.48
C GLN B 214 6.41 6.06 -24.88
N GLY B 215 6.48 5.15 -25.84
CA GLY B 215 6.26 5.46 -27.25
C GLY B 215 7.43 6.17 -27.92
N VAL B 216 8.60 6.18 -27.26
CA VAL B 216 9.80 6.81 -27.82
C VAL B 216 10.81 5.73 -28.17
N LYS B 217 11.49 5.87 -29.31
CA LYS B 217 12.52 4.91 -29.71
C LYS B 217 13.74 5.05 -28.81
N ASN B 218 14.41 3.93 -28.55
CA ASN B 218 15.65 3.93 -27.77
C ASN B 218 16.71 4.87 -28.35
N ASN B 219 16.80 4.86 -29.68
CA ASN B 219 17.81 5.64 -30.40
C ASN B 219 17.65 7.14 -30.16
N ASP B 220 16.41 7.57 -29.95
CA ASP B 220 16.12 8.98 -29.73
C ASP B 220 16.35 9.48 -28.30
N VAL B 221 16.57 8.57 -27.35
CA VAL B 221 16.68 8.96 -25.93
C VAL B 221 17.89 9.87 -25.68
N ILE B 222 19.07 9.43 -26.10
CA ILE B 222 20.31 10.17 -25.83
C ILE B 222 20.29 11.60 -26.36
N GLY B 223 19.65 11.81 -27.51
CA GLY B 223 19.56 13.12 -28.11
C GLY B 223 18.70 14.04 -27.26
N ARG B 224 17.60 13.48 -26.74
CA ARG B 224 16.76 14.22 -25.81
C ARG B 224 17.55 14.62 -24.54
N ILE B 225 18.32 13.69 -23.98
CA ILE B 225 19.17 13.97 -22.80
C ILE B 225 20.24 15.04 -23.10
N GLU B 226 20.90 14.90 -24.23
CA GLU B 226 21.93 15.86 -24.62
C GLU B 226 21.36 17.23 -25.01
N ASN B 227 20.06 17.29 -25.31
CA ASN B 227 19.38 18.57 -25.48
C ASN B 227 18.87 19.19 -24.17
N GLY B 228 19.19 18.56 -23.03
CA GLY B 228 18.75 19.05 -21.72
C GLY B 228 17.36 18.64 -21.29
N GLU B 229 16.69 17.83 -22.12
CA GLU B 229 15.34 17.36 -21.83
C GLU B 229 15.36 16.34 -20.70
N ARG B 230 14.34 16.36 -19.86
CA ARG B 230 14.25 15.45 -18.73
C ARG B 230 12.83 14.96 -18.56
N LEU B 231 12.66 13.78 -17.98
CA LEU B 231 11.34 13.31 -17.59
C LEU B 231 10.64 14.36 -16.70
N PRO B 232 9.35 14.63 -16.96
CA PRO B 232 8.62 15.69 -16.25
C PRO B 232 8.18 15.31 -14.83
N MET B 233 7.80 16.31 -14.05
CA MET B 233 7.31 16.12 -12.69
C MET B 233 6.00 15.34 -12.70
N PRO B 234 5.99 14.14 -12.10
CA PRO B 234 4.75 13.38 -12.02
C PRO B 234 3.65 14.14 -11.26
N PRO B 235 2.39 13.92 -11.62
CA PRO B 235 1.33 14.58 -10.89
C PRO B 235 1.36 14.21 -9.41
N ASN B 236 1.06 15.17 -8.55
CA ASN B 236 1.13 15.01 -7.09
C ASN B 236 2.53 14.73 -6.51
N CYS B 237 3.58 14.87 -7.33
CA CYS B 237 4.93 14.69 -6.81
C CYS B 237 5.38 15.99 -6.16
N PRO B 238 5.79 15.94 -4.89
CA PRO B 238 6.23 17.17 -4.24
C PRO B 238 7.39 17.79 -4.99
N PRO B 239 7.36 19.13 -5.18
CA PRO B 239 8.48 19.79 -5.87
C PRO B 239 9.87 19.46 -5.30
N THR B 240 9.97 19.32 -3.98
CA THR B 240 11.26 18.93 -3.37
C THR B 240 11.72 17.56 -3.88
N LEU B 241 10.79 16.62 -4.05
CA LEU B 241 11.16 15.28 -4.49
C LEU B 241 11.62 15.30 -5.97
N TYR B 242 10.93 16.08 -6.80
CA TYR B 242 11.30 16.21 -8.21
C TYR B 242 12.66 16.89 -8.36
N SER B 243 12.93 17.90 -7.56
CA SER B 243 14.27 18.50 -7.52
C SER B 243 15.35 17.44 -7.25
N LEU B 244 15.05 16.51 -6.35
CA LEU B 244 15.93 15.37 -6.09
C LEU B 244 16.20 14.53 -7.34
N MET B 245 15.14 14.13 -8.03
CA MET B 245 15.25 13.43 -9.32
C MET B 245 16.14 14.22 -10.30
N THR B 246 15.93 15.52 -10.36
CA THR B 246 16.69 16.42 -11.27
C THR B 246 18.21 16.42 -10.99
N LYS B 247 18.58 16.39 -9.70
CA LYS B 247 19.99 16.28 -9.30
C LYS B 247 20.62 14.96 -9.73
N CYS B 248 19.82 13.89 -9.70
CA CYS B 248 20.26 12.56 -10.12
C CYS B 248 20.59 12.57 -11.61
N TRP B 249 19.92 13.44 -12.37
CA TRP B 249 20.04 13.51 -13.81
C TRP B 249 20.94 14.68 -14.27
N ALA B 250 21.95 14.99 -13.48
CA ALA B 250 23.00 15.89 -13.93
C ALA B 250 23.80 15.16 -15.00
N TYR B 251 24.03 15.82 -16.13
CA TYR B 251 24.73 15.17 -17.23
C TYR B 251 26.15 14.82 -16.76
N ASP B 252 26.76 15.71 -16.00
CA ASP B 252 28.10 15.49 -15.45
C ASP B 252 28.00 14.58 -14.23
N PRO B 253 28.52 13.35 -14.35
CA PRO B 253 28.37 12.37 -13.27
C PRO B 253 28.92 12.86 -11.93
N SER B 254 30.00 13.61 -11.97
CA SER B 254 30.64 14.11 -10.77
C SER B 254 29.77 15.14 -9.99
N ARG B 255 28.69 15.63 -10.61
CA ARG B 255 27.77 16.56 -9.95
C ARG B 255 26.55 15.87 -9.35
N ARG B 256 26.39 14.58 -9.61
CA ARG B 256 25.28 13.81 -9.03
C ARG B 256 25.52 13.52 -7.54
N PRO B 257 24.47 13.57 -6.72
CA PRO B 257 24.60 13.15 -5.31
C PRO B 257 25.02 11.68 -5.17
N ARG B 258 25.56 11.31 -4.02
CA ARG B 258 25.69 9.90 -3.66
C ARG B 258 24.44 9.48 -2.86
N PHE B 259 24.32 8.18 -2.62
CA PHE B 259 23.09 7.61 -2.05
C PHE B 259 22.95 7.94 -0.57
N THR B 260 24.05 8.13 0.15
CA THR B 260 23.94 8.61 1.53
C THR B 260 23.14 9.93 1.60
N GLU B 261 23.40 10.86 0.68
CA GLU B 261 22.71 12.14 0.69
C GLU B 261 21.27 11.95 0.22
N LEU B 262 21.05 11.12 -0.79
CA LEU B 262 19.70 10.88 -1.29
C LEU B 262 18.78 10.27 -0.20
N LYS B 263 19.30 9.28 0.50
CA LYS B 263 18.68 8.68 1.68
C LYS B 263 18.33 9.69 2.77
N ALA B 264 19.26 10.58 3.12
CA ALA B 264 18.99 11.58 4.16
C ALA B 264 17.88 12.51 3.67
N GLN B 265 18.00 12.95 2.42
CA GLN B 265 17.01 13.85 1.85
C GLN B 265 15.64 13.17 1.72
N LEU B 266 15.64 11.89 1.34
CA LEU B 266 14.38 11.16 1.24
C LEU B 266 13.72 10.97 2.60
N SER B 267 14.50 10.76 3.66
CA SER B 267 13.88 10.64 4.99
C SER B 267 13.23 11.97 5.39
N THR B 268 13.83 13.09 5.01
CA THR B 268 13.24 14.41 5.33
C THR B 268 11.94 14.57 4.57
N ILE B 269 11.93 14.21 3.29
CA ILE B 269 10.74 14.33 2.46
C ILE B 269 9.63 13.39 2.96
N LEU B 270 10.00 12.19 3.37
CA LEU B 270 9.05 11.22 3.93
C LEU B 270 8.42 11.77 5.24
N GLU B 271 9.22 12.38 6.09
CA GLU B 271 8.70 12.98 7.33
C GLU B 271 7.76 14.15 7.07
N GLU B 272 8.10 14.98 6.08
CA GLU B 272 7.26 16.13 5.70
C GLU B 272 5.89 15.72 5.16
N GLU B 273 5.85 14.63 4.38
CA GLU B 273 4.59 14.08 3.89
C GLU B 273 3.71 13.51 5.01
N LYS B 274 4.32 12.85 5.99
CA LYS B 274 3.59 12.28 7.13
C LYS B 274 2.99 13.33 8.09
N LEU B 275 3.40 14.59 7.93
CA LEU B 275 2.80 15.72 8.64
C LEU B 275 1.63 16.35 7.87
N GLN B 276 1.16 15.67 6.83
CA GLN B 276 -0.11 15.97 6.17
C GLN B 276 -1.04 14.77 6.35
#